data_7A3Z
#
_entry.id   7A3Z
#
_cell.length_a   136.890
_cell.length_b   62.110
_cell.length_c   45.030
_cell.angle_alpha   90.000
_cell.angle_beta   90.200
_cell.angle_gamma   90.000
#
_symmetry.space_group_name_H-M   'C 1 2 1'
#
loop_
_entity.id
_entity.type
_entity.pdbx_description
1 polymer 'Osmotic avoidance abnormal protein 3'
2 non-polymer 'MAGNESIUM ION'
3 non-polymer "ADENOSINE-5'-DIPHOSPHATE"
4 water water
#
_entity_poly.entity_id   1
_entity_poly.type   'polypeptide(L)'
_entity_poly.pdbx_seq_one_letter_code
;MAAESVRVAVRCRPFNQREKDLNTTLCVGMTPNVGQVNLNAPDGAAKDFTFDGAYFMDSTGEQIYNDIVFPLVENVIEGY
NGTVFAYGQTGSGKTFSMQGIETIPAQRGVIPRAFDHIFTATATTENVKFLVHCSYLEIYNEEVRDLLGADNKQKLEIKE
QPDRGVYVAGLSMHVCHDVPACKELMTRGFNNRHVGATLMNKDSSRSHSIFTVYVEGMTETGSIRMGKLNLVDLAGSERQ
SKTGATGDRLKEATKINLSLSALGNVISALVDGKSKHIPYRDSKLTRLLQDSLGGNTKTIMIACVSPSSDNYDETLSTLR
YANRAKNIKNKPTINEDPKDALLREYQEEIARLKSMVQPGAVGPLEHHHHHH
;
_entity_poly.pdbx_strand_id   A
#
loop_
_chem_comp.id
_chem_comp.type
_chem_comp.name
_chem_comp.formula
ADP non-polymer ADENOSINE-5'-DIPHOSPHATE 'C10 H15 N5 O10 P2'
MG non-polymer 'MAGNESIUM ION' 'Mg 2'
#
# COMPACT_ATOMS: atom_id res chain seq x y z
N ALA A 2 7.12 20.34 -1.00
CA ALA A 2 8.00 20.25 0.17
C ALA A 2 8.70 18.89 0.24
N ALA A 3 9.94 18.85 0.77
CA ALA A 3 10.69 17.60 0.91
C ALA A 3 10.09 16.77 2.05
N GLU A 4 9.66 15.55 1.74
CA GLU A 4 9.02 14.70 2.75
C GLU A 4 9.44 13.26 2.62
N SER A 5 9.81 12.65 3.74
CA SER A 5 10.27 11.26 3.74
C SER A 5 9.12 10.26 3.72
N VAL A 6 9.37 9.08 3.17
CA VAL A 6 8.37 8.01 3.12
C VAL A 6 8.10 7.56 4.57
N ARG A 7 6.84 7.58 5.00
CA ARG A 7 6.44 7.17 6.34
C ARG A 7 6.33 5.66 6.38
N VAL A 8 6.91 5.02 7.42
CA VAL A 8 6.86 3.56 7.50
C VAL A 8 6.26 3.05 8.82
N ALA A 9 5.29 2.14 8.76
CA ALA A 9 4.69 1.53 9.94
C ALA A 9 4.80 0.01 9.85
N VAL A 10 4.98 -0.63 11.00
CA VAL A 10 5.06 -2.08 11.07
C VAL A 10 3.82 -2.64 11.77
N ARG A 11 3.27 -3.72 11.21
CA ARG A 11 2.12 -4.37 11.79
C ARG A 11 2.44 -5.82 11.99
N CYS A 12 2.30 -6.27 13.24
CA CYS A 12 2.51 -7.66 13.59
C CYS A 12 1.15 -8.36 13.72
N ARG A 13 0.94 -9.42 12.96
CA ARG A 13 -0.29 -10.21 13.06
C ARG A 13 -0.25 -11.10 14.32
N PRO A 14 -1.42 -11.53 14.82
CA PRO A 14 -1.43 -12.46 15.95
C PRO A 14 -1.08 -13.89 15.49
N PHE A 15 -0.84 -14.77 16.46
CA PHE A 15 -0.53 -16.16 16.16
C PHE A 15 -1.76 -16.82 15.57
N ASN A 16 -1.57 -17.74 14.61
CA ASN A 16 -2.66 -18.52 14.08
C ASN A 16 -2.83 -19.78 14.96
N GLN A 17 -3.82 -20.60 14.66
CA GLN A 17 -4.10 -21.80 15.44
C GLN A 17 -2.92 -22.81 15.55
N ARG A 18 -2.25 -23.12 14.43
CA ARG A 18 -1.13 -24.06 14.42
C ARG A 18 0.05 -23.52 15.26
N GLU A 19 0.33 -22.21 15.19
CA GLU A 19 1.38 -21.61 16.01
C GLU A 19 1.09 -21.77 17.51
N LYS A 20 -0.17 -21.60 17.90
CA LYS A 20 -0.60 -21.82 19.28
C LYS A 20 -0.50 -23.30 19.68
N ASP A 21 -0.90 -24.23 18.79
CA ASP A 21 -0.80 -25.67 19.03
C ASP A 21 0.65 -26.12 19.22
N LEU A 22 1.58 -25.52 18.47
CA LEU A 22 3.00 -25.82 18.63
C LEU A 22 3.63 -25.06 19.81
N ASN A 23 2.90 -24.10 20.42
CA ASN A 23 3.40 -23.29 21.53
C ASN A 23 4.61 -22.47 21.06
N THR A 24 4.57 -22.00 19.81
CA THR A 24 5.57 -21.22 19.12
C THR A 24 5.98 -19.99 19.95
N THR A 25 7.29 -19.71 19.98
CA THR A 25 7.85 -18.60 20.73
C THR A 25 7.57 -17.26 20.07
N LEU A 26 7.10 -16.31 20.86
CA LEU A 26 6.91 -14.95 20.42
C LEU A 26 8.30 -14.32 20.37
N CYS A 27 8.76 -13.92 19.19
CA CYS A 27 10.08 -13.30 19.05
C CYS A 27 10.00 -11.80 18.67
N VAL A 28 8.81 -11.20 18.66
CA VAL A 28 8.62 -9.78 18.35
C VAL A 28 8.08 -9.05 19.57
N GLY A 29 8.64 -7.89 19.82
CA GLY A 29 8.18 -7.00 20.86
C GLY A 29 7.99 -5.61 20.29
N MET A 30 7.19 -4.78 20.95
CA MET A 30 6.95 -3.42 20.48
C MET A 30 6.76 -2.42 21.61
N THR A 31 7.13 -1.17 21.33
CA THR A 31 6.89 -0.05 22.23
C THR A 31 6.19 0.96 21.32
N PRO A 32 4.86 0.87 21.22
CA PRO A 32 4.10 1.69 20.24
C PRO A 32 4.13 3.20 20.43
N ASN A 33 4.37 3.68 21.67
CA ASN A 33 4.44 5.13 21.93
C ASN A 33 5.60 5.75 21.12
N VAL A 34 6.73 5.03 21.00
CA VAL A 34 7.87 5.57 20.27
C VAL A 34 8.14 4.91 18.91
N GLY A 35 7.28 3.95 18.51
CA GLY A 35 7.41 3.26 17.23
C GLY A 35 8.52 2.23 17.23
N GLN A 36 8.87 1.70 18.40
CA GLN A 36 9.95 0.73 18.49
C GLN A 36 9.51 -0.71 18.23
N VAL A 37 10.32 -1.43 17.49
CA VAL A 37 10.10 -2.84 17.20
C VAL A 37 11.37 -3.59 17.55
N ASN A 38 11.28 -4.55 18.47
CA ASN A 38 12.42 -5.37 18.81
C ASN A 38 12.23 -6.81 18.29
N LEU A 39 13.29 -7.38 17.72
CA LEU A 39 13.28 -8.74 17.17
C LEU A 39 14.29 -9.57 17.96
N ASN A 40 13.84 -10.63 18.63
CA ASN A 40 14.72 -11.45 19.45
C ASN A 40 15.22 -12.68 18.75
N ALA A 41 16.55 -12.91 18.81
CA ALA A 41 17.18 -14.09 18.21
C ALA A 41 17.20 -15.22 19.25
N PRO A 42 17.35 -16.49 18.81
CA PRO A 42 17.39 -17.59 19.80
C PRO A 42 18.34 -17.39 20.98
N ASP A 43 19.57 -16.88 20.72
CA ASP A 43 20.58 -16.65 21.77
C ASP A 43 20.19 -15.57 22.80
N GLY A 44 19.13 -14.82 22.54
CA GLY A 44 18.67 -13.80 23.47
C GLY A 44 18.98 -12.38 23.04
N ALA A 45 19.83 -12.19 22.01
CA ALA A 45 20.16 -10.84 21.53
C ALA A 45 19.01 -10.19 20.76
N ALA A 46 18.65 -8.96 21.15
CA ALA A 46 17.59 -8.24 20.48
C ALA A 46 18.14 -7.32 19.40
N LYS A 47 17.39 -7.17 18.32
CA LYS A 47 17.66 -6.23 17.26
C LYS A 47 16.56 -5.16 17.35
N ASP A 48 16.95 -3.90 17.52
CA ASP A 48 15.97 -2.81 17.69
C ASP A 48 15.83 -1.93 16.46
N PHE A 49 14.58 -1.56 16.17
CA PHE A 49 14.23 -0.72 15.01
C PHE A 49 13.23 0.37 15.43
N THR A 50 13.30 1.52 14.79
CA THR A 50 12.37 2.61 15.04
C THR A 50 11.57 2.89 13.78
N PHE A 51 10.27 2.94 13.93
CA PHE A 51 9.34 3.18 12.86
C PHE A 51 8.39 4.34 13.23
N ASP A 52 7.64 4.82 12.23
CA ASP A 52 6.68 5.91 12.46
C ASP A 52 5.36 5.40 13.10
N GLY A 53 5.14 4.09 13.08
CA GLY A 53 4.05 3.40 13.73
C GLY A 53 4.47 1.97 14.02
N ALA A 54 3.98 1.40 15.14
CA ALA A 54 4.28 0.02 15.51
C ALA A 54 2.97 -0.55 16.05
N TYR A 55 2.32 -1.43 15.29
CA TYR A 55 1.03 -1.99 15.59
C TYR A 55 1.17 -3.46 15.94
N PHE A 56 0.84 -3.80 17.18
CA PHE A 56 1.08 -5.15 17.68
C PHE A 56 -0.08 -6.16 17.37
N MET A 57 0.01 -7.40 17.87
CA MET A 57 -0.88 -8.52 17.56
C MET A 57 -2.38 -8.21 17.71
N ASP A 58 -2.76 -7.35 18.65
CA ASP A 58 -4.18 -7.00 18.85
C ASP A 58 -4.63 -5.70 18.15
N SER A 59 -3.77 -5.10 17.30
CA SER A 59 -4.12 -3.87 16.60
C SER A 59 -5.23 -4.07 15.55
N THR A 60 -5.96 -2.98 15.28
CA THR A 60 -7.09 -3.00 14.35
C THR A 60 -6.83 -2.12 13.15
N GLY A 61 -7.52 -2.44 12.06
CA GLY A 61 -7.48 -1.65 10.83
C GLY A 61 -7.98 -0.24 11.05
N GLU A 62 -8.93 -0.06 11.99
CA GLU A 62 -9.48 1.22 12.38
C GLU A 62 -8.41 2.15 12.97
N GLN A 63 -7.64 1.67 13.96
CA GLN A 63 -6.60 2.48 14.59
C GLN A 63 -5.42 2.71 13.64
N ILE A 64 -5.13 1.76 12.73
CA ILE A 64 -4.06 1.97 11.75
C ILE A 64 -4.50 3.08 10.79
N TYR A 65 -5.73 2.99 10.26
CA TYR A 65 -6.26 4.00 9.34
C TYR A 65 -6.28 5.39 10.00
N ASN A 66 -6.88 5.51 11.18
CA ASN A 66 -6.99 6.77 11.87
C ASN A 66 -5.67 7.46 12.14
N ASP A 67 -4.65 6.71 12.55
CA ASP A 67 -3.35 7.28 12.86
C ASP A 67 -2.51 7.58 11.64
N ILE A 68 -2.48 6.65 10.70
CA ILE A 68 -1.54 6.72 9.59
C ILE A 68 -2.14 7.09 8.23
N VAL A 69 -3.25 6.47 7.81
CA VAL A 69 -3.78 6.71 6.47
C VAL A 69 -4.70 7.93 6.36
N PHE A 70 -5.57 8.18 7.36
CA PHE A 70 -6.48 9.32 7.38
C PHE A 70 -5.83 10.66 6.95
N PRO A 71 -4.63 11.05 7.45
CA PRO A 71 -4.06 12.34 7.00
C PRO A 71 -3.62 12.33 5.55
N LEU A 72 -3.19 11.17 5.04
CA LEU A 72 -2.79 11.02 3.64
C LEU A 72 -4.03 11.16 2.74
N VAL A 73 -5.17 10.59 3.14
CA VAL A 73 -6.41 10.69 2.37
C VAL A 73 -6.96 12.13 2.39
N GLU A 74 -6.78 12.83 3.53
CA GLU A 74 -7.13 14.24 3.62
C GLU A 74 -6.30 15.05 2.60
N ASN A 75 -5.01 14.71 2.46
CA ASN A 75 -4.11 15.36 1.51
C ASN A 75 -4.51 15.10 0.05
N VAL A 76 -5.03 13.90 -0.28
CA VAL A 76 -5.49 13.52 -1.62
C VAL A 76 -6.71 14.40 -2.06
N ILE A 77 -7.66 14.61 -1.13
CA ILE A 77 -8.81 15.48 -1.29
C ILE A 77 -8.39 16.94 -1.57
N GLU A 78 -7.31 17.42 -0.91
CA GLU A 78 -6.72 18.74 -1.14
C GLU A 78 -5.99 18.86 -2.49
N GLY A 79 -5.76 17.75 -3.19
CA GLY A 79 -5.08 17.74 -4.47
C GLY A 79 -3.70 17.09 -4.51
N TYR A 80 -3.26 16.41 -3.43
CA TYR A 80 -1.96 15.71 -3.45
C TYR A 80 -2.10 14.28 -3.99
N ASN A 81 -0.97 13.70 -4.47
CA ASN A 81 -0.90 12.27 -4.81
C ASN A 81 -0.50 11.53 -3.52
N GLY A 82 -1.12 10.40 -3.26
CA GLY A 82 -0.83 9.58 -2.08
C GLY A 82 -0.72 8.11 -2.43
N THR A 83 0.23 7.38 -1.80
CA THR A 83 0.39 5.95 -2.08
C THR A 83 0.56 5.19 -0.77
N VAL A 84 -0.13 4.06 -0.60
CA VAL A 84 -0.01 3.16 0.55
C VAL A 84 0.42 1.78 -0.01
N PHE A 85 1.61 1.28 0.32
CA PHE A 85 2.06 -0.07 -0.09
C PHE A 85 1.94 -1.00 1.11
N ALA A 86 1.59 -2.26 0.87
CA ALA A 86 1.61 -3.29 1.90
C ALA A 86 2.79 -4.19 1.50
N TYR A 87 3.76 -4.39 2.40
CA TYR A 87 4.95 -5.17 2.13
C TYR A 87 5.12 -6.26 3.19
N GLY A 88 5.60 -7.44 2.80
CA GLY A 88 5.82 -8.52 3.74
C GLY A 88 5.69 -9.90 3.14
N GLN A 89 6.08 -10.93 3.89
CA GLN A 89 6.00 -12.31 3.39
C GLN A 89 4.53 -12.74 3.17
N THR A 90 4.32 -13.82 2.40
CA THR A 90 2.99 -14.39 2.24
C THR A 90 2.59 -14.96 3.62
N GLY A 91 1.44 -14.53 4.08
CA GLY A 91 0.87 -14.89 5.37
C GLY A 91 1.09 -13.87 6.45
N SER A 92 1.78 -12.74 6.17
CA SER A 92 2.07 -11.76 7.24
C SER A 92 0.93 -10.75 7.53
N GLY A 93 -0.01 -10.59 6.60
CA GLY A 93 -1.14 -9.70 6.78
C GLY A 93 -1.29 -8.56 5.78
N LYS A 94 -0.60 -8.63 4.61
CA LYS A 94 -0.72 -7.56 3.60
C LYS A 94 -2.18 -7.33 3.14
N THR A 95 -2.88 -8.41 2.77
CA THR A 95 -4.25 -8.33 2.31
C THR A 95 -5.20 -8.03 3.48
N PHE A 96 -4.91 -8.53 4.67
CA PHE A 96 -5.73 -8.25 5.85
C PHE A 96 -5.58 -6.74 6.25
N SER A 97 -4.45 -6.11 5.92
CA SER A 97 -4.27 -4.70 6.20
C SER A 97 -4.92 -3.86 5.12
N MET A 98 -4.83 -4.28 3.85
CA MET A 98 -5.43 -3.48 2.76
C MET A 98 -6.94 -3.70 2.58
N GLN A 99 -7.39 -4.94 2.53
CA GLN A 99 -8.80 -5.27 2.34
C GLN A 99 -9.49 -5.50 3.69
N GLY A 100 -8.85 -6.28 4.56
CA GLY A 100 -9.40 -6.58 5.88
C GLY A 100 -10.61 -7.48 5.82
N ILE A 101 -11.41 -7.49 6.89
CA ILE A 101 -12.61 -8.32 6.93
C ILE A 101 -13.84 -7.51 7.34
N GLU A 102 -15.01 -7.88 6.79
CA GLU A 102 -16.25 -7.19 7.15
C GLU A 102 -17.00 -7.89 8.32
N THR A 103 -16.62 -9.14 8.67
CA THR A 103 -17.26 -9.88 9.78
C THR A 103 -17.01 -9.21 11.15
N ILE A 104 -15.87 -8.50 11.28
CA ILE A 104 -15.45 -7.77 12.47
C ILE A 104 -15.18 -6.32 12.01
N PRO A 105 -16.12 -5.39 12.27
CA PRO A 105 -15.98 -4.02 11.75
C PRO A 105 -14.67 -3.28 12.04
N ALA A 106 -14.08 -3.43 13.24
CA ALA A 106 -12.79 -2.77 13.52
C ALA A 106 -11.63 -3.34 12.68
N GLN A 107 -11.83 -4.53 12.05
CA GLN A 107 -10.79 -5.12 11.21
C GLN A 107 -10.95 -4.83 9.72
N ARG A 108 -11.77 -3.83 9.35
CA ARG A 108 -11.91 -3.46 7.94
C ARG A 108 -10.61 -2.76 7.50
N GLY A 109 -10.15 -3.10 6.30
CA GLY A 109 -8.91 -2.65 5.71
C GLY A 109 -8.83 -1.19 5.34
N VAL A 110 -7.65 -0.77 4.85
CA VAL A 110 -7.45 0.62 4.51
C VAL A 110 -8.23 1.03 3.27
N ILE A 111 -8.46 0.11 2.32
CA ILE A 111 -9.17 0.36 1.08
C ILE A 111 -10.66 0.66 1.36
N PRO A 112 -11.44 -0.22 2.04
CA PRO A 112 -12.82 0.16 2.36
C PRO A 112 -12.92 1.44 3.20
N ARG A 113 -11.94 1.69 4.06
CA ARG A 113 -11.89 2.87 4.90
C ARG A 113 -11.60 4.13 4.11
N ALA A 114 -10.73 4.05 3.10
CA ALA A 114 -10.46 5.20 2.25
C ALA A 114 -11.71 5.56 1.44
N PHE A 115 -12.53 4.55 1.01
CA PHE A 115 -13.78 4.84 0.29
C PHE A 115 -14.72 5.65 1.19
N ASP A 116 -14.96 5.18 2.42
CA ASP A 116 -15.85 5.89 3.36
C ASP A 116 -15.36 7.30 3.65
N HIS A 117 -14.05 7.46 3.79
CA HIS A 117 -13.44 8.73 4.08
C HIS A 117 -13.60 9.70 2.91
N ILE A 118 -13.24 9.28 1.69
CA ILE A 118 -13.37 10.12 0.49
C ILE A 118 -14.82 10.59 0.27
N PHE A 119 -15.83 9.71 0.36
CA PHE A 119 -17.21 10.11 0.14
C PHE A 119 -17.79 10.93 1.29
N THR A 120 -17.24 10.82 2.49
CA THR A 120 -17.69 11.65 3.62
C THR A 120 -17.09 13.06 3.46
N ALA A 121 -15.75 13.15 3.29
CA ALA A 121 -15.05 14.43 3.19
C ALA A 121 -15.38 15.24 1.95
N THR A 122 -15.59 14.58 0.79
CA THR A 122 -15.95 15.30 -0.43
C THR A 122 -17.36 15.92 -0.33
N ALA A 123 -18.26 15.33 0.46
CA ALA A 123 -19.61 15.85 0.66
C ALA A 123 -19.67 16.94 1.75
N THR A 124 -18.72 16.96 2.69
CA THR A 124 -18.71 17.97 3.75
C THR A 124 -17.90 19.24 3.39
N THR A 125 -17.43 19.35 2.13
CA THR A 125 -16.69 20.50 1.61
C THR A 125 -17.65 21.23 0.62
N GLU A 126 -18.53 22.11 1.13
CA GLU A 126 -19.54 22.82 0.32
C GLU A 126 -18.98 23.74 -0.79
N ASN A 127 -17.69 24.04 -0.75
CA ASN A 127 -17.03 24.92 -1.70
C ASN A 127 -16.60 24.22 -3.00
N VAL A 128 -16.37 22.89 -2.92
CA VAL A 128 -15.83 22.09 -4.03
C VAL A 128 -16.78 20.94 -4.47
N LYS A 129 -16.87 20.72 -5.80
CA LYS A 129 -17.65 19.63 -6.43
C LYS A 129 -16.67 18.54 -6.85
N PHE A 130 -16.82 17.33 -6.32
CA PHE A 130 -15.88 16.25 -6.60
C PHE A 130 -16.35 15.14 -7.51
N LEU A 131 -15.48 14.70 -8.44
CA LEU A 131 -15.74 13.56 -9.29
C LEU A 131 -14.72 12.45 -8.98
N VAL A 132 -15.22 11.26 -8.59
CA VAL A 132 -14.37 10.14 -8.22
C VAL A 132 -14.37 9.04 -9.28
N HIS A 133 -13.17 8.58 -9.67
CA HIS A 133 -12.99 7.49 -10.62
C HIS A 133 -12.07 6.43 -10.03
N CYS A 134 -12.24 5.17 -10.44
CA CYS A 134 -11.41 4.08 -9.93
C CYS A 134 -10.84 3.24 -11.05
N SER A 135 -9.67 2.67 -10.80
CA SER A 135 -9.00 1.70 -11.66
C SER A 135 -8.37 0.62 -10.77
N TYR A 136 -8.20 -0.59 -11.33
CA TYR A 136 -7.68 -1.71 -10.55
C TYR A 136 -6.89 -2.60 -11.48
N LEU A 137 -5.56 -2.66 -11.28
CA LEU A 137 -4.72 -3.50 -12.13
C LEU A 137 -3.95 -4.54 -11.33
N GLU A 138 -3.46 -5.55 -12.06
CA GLU A 138 -2.67 -6.61 -11.50
C GLU A 138 -1.44 -6.79 -12.36
N ILE A 139 -0.28 -7.03 -11.71
CA ILE A 139 0.97 -7.34 -12.38
C ILE A 139 1.42 -8.70 -11.91
N TYR A 140 1.50 -9.64 -12.83
CA TYR A 140 1.96 -10.98 -12.56
C TYR A 140 2.90 -11.33 -13.70
N ASN A 141 4.10 -11.85 -13.40
CA ASN A 141 5.09 -12.23 -14.41
C ASN A 141 5.44 -11.11 -15.42
N GLU A 142 5.42 -9.83 -14.97
CA GLU A 142 5.67 -8.65 -15.82
C GLU A 142 4.55 -8.40 -16.87
N GLU A 143 3.39 -9.01 -16.67
CA GLU A 143 2.22 -8.84 -17.52
C GLU A 143 1.22 -7.96 -16.72
N VAL A 144 0.90 -6.80 -17.25
CA VAL A 144 -0.05 -5.85 -16.64
C VAL A 144 -1.46 -6.16 -17.16
N ARG A 145 -2.41 -6.40 -16.25
CA ARG A 145 -3.79 -6.71 -16.64
C ARG A 145 -4.81 -5.85 -15.92
N ASP A 146 -5.85 -5.46 -16.64
CA ASP A 146 -6.96 -4.68 -16.09
C ASP A 146 -7.91 -5.65 -15.36
N LEU A 147 -8.13 -5.44 -14.06
CA LEU A 147 -9.01 -6.31 -13.27
C LEU A 147 -10.52 -5.97 -13.42
N LEU A 148 -10.85 -4.84 -14.05
CA LEU A 148 -12.24 -4.42 -14.21
C LEU A 148 -12.73 -4.30 -15.66
N GLY A 149 -11.86 -4.57 -16.62
CA GLY A 149 -12.18 -4.45 -18.03
C GLY A 149 -13.11 -5.51 -18.61
N ALA A 150 -13.38 -5.37 -19.92
CA ALA A 150 -14.21 -6.29 -20.68
C ALA A 150 -13.41 -7.57 -20.90
N ASP A 151 -12.12 -7.45 -21.31
CA ASP A 151 -11.23 -8.59 -21.47
C ASP A 151 -10.13 -8.47 -20.43
N ASN A 152 -10.31 -9.13 -19.29
CA ASN A 152 -9.35 -9.14 -18.18
C ASN A 152 -8.05 -9.87 -18.53
N LYS A 153 -8.07 -10.77 -19.53
CA LYS A 153 -6.90 -11.53 -19.94
C LYS A 153 -5.89 -10.65 -20.72
N GLN A 154 -6.38 -9.61 -21.42
CA GLN A 154 -5.56 -8.69 -22.21
C GLN A 154 -4.38 -8.05 -21.45
N LYS A 155 -3.16 -8.26 -21.96
CA LYS A 155 -1.97 -7.65 -21.40
C LYS A 155 -1.88 -6.23 -21.94
N LEU A 156 -1.65 -5.24 -21.06
CA LEU A 156 -1.61 -3.85 -21.45
C LEU A 156 -0.20 -3.25 -21.46
N GLU A 157 0.03 -2.22 -22.30
CA GLU A 157 1.33 -1.58 -22.41
C GLU A 157 1.43 -0.33 -21.52
N ILE A 158 2.62 -0.05 -21.00
CA ILE A 158 2.84 1.14 -20.19
C ILE A 158 3.44 2.23 -21.07
N LYS A 159 2.75 3.37 -21.14
CA LYS A 159 3.21 4.48 -21.96
C LYS A 159 3.38 5.76 -21.11
N GLU A 160 3.96 6.80 -21.71
CA GLU A 160 4.14 8.07 -21.02
C GLU A 160 3.64 9.22 -21.91
N GLN A 161 2.96 10.20 -21.31
CA GLN A 161 2.43 11.38 -22.01
C GLN A 161 3.16 12.63 -21.53
N GLY A 165 1.36 11.85 -17.07
CA GLY A 165 2.68 11.31 -16.79
C GLY A 165 2.84 9.88 -17.31
N VAL A 166 3.07 8.92 -16.42
CA VAL A 166 3.19 7.52 -16.82
C VAL A 166 1.82 6.86 -16.61
N TYR A 167 1.36 6.07 -17.59
CA TYR A 167 0.03 5.45 -17.49
C TYR A 167 -0.04 4.07 -18.18
N VAL A 168 -1.11 3.32 -17.89
CA VAL A 168 -1.37 2.03 -18.53
C VAL A 168 -2.37 2.27 -19.68
N ALA A 169 -1.88 2.18 -20.94
CA ALA A 169 -2.71 2.39 -22.12
C ALA A 169 -3.82 1.35 -22.21
N GLY A 170 -5.07 1.82 -22.35
CA GLY A 170 -6.23 0.94 -22.38
C GLY A 170 -6.76 0.52 -21.01
N LEU A 171 -6.28 1.18 -19.93
CA LEU A 171 -6.75 0.85 -18.58
C LEU A 171 -8.11 1.53 -18.31
N SER A 172 -9.14 0.71 -18.07
CA SER A 172 -10.47 1.26 -17.81
C SER A 172 -10.56 2.03 -16.50
N MET A 173 -11.27 3.15 -16.56
CA MET A 173 -11.54 4.01 -15.43
C MET A 173 -13.05 3.95 -15.17
N HIS A 174 -13.45 3.73 -13.92
CA HIS A 174 -14.84 3.57 -13.56
C HIS A 174 -15.34 4.67 -12.65
N VAL A 175 -16.38 5.41 -13.05
CA VAL A 175 -16.94 6.47 -12.21
C VAL A 175 -17.59 5.86 -10.97
N CYS A 176 -17.35 6.47 -9.82
CA CYS A 176 -17.89 6.03 -8.54
C CYS A 176 -18.59 7.21 -7.91
N HIS A 177 -19.89 7.15 -7.86
CA HIS A 177 -20.67 8.22 -7.25
C HIS A 177 -20.91 8.05 -5.76
N ASP A 178 -20.54 6.89 -5.20
CA ASP A 178 -20.74 6.61 -3.79
C ASP A 178 -19.92 5.38 -3.34
N VAL A 179 -20.03 5.00 -2.05
CA VAL A 179 -19.28 3.86 -1.54
C VAL A 179 -19.76 2.50 -2.16
N PRO A 180 -21.07 2.17 -2.28
CA PRO A 180 -21.44 0.89 -2.95
C PRO A 180 -20.79 0.68 -4.34
N ALA A 181 -20.66 1.76 -5.13
CA ALA A 181 -20.05 1.67 -6.45
C ALA A 181 -18.60 1.23 -6.35
N CYS A 182 -17.88 1.76 -5.36
CA CYS A 182 -16.49 1.46 -5.01
C CYS A 182 -16.29 0.00 -4.57
N LYS A 183 -17.16 -0.48 -3.67
CA LYS A 183 -17.12 -1.84 -3.15
C LYS A 183 -17.44 -2.90 -4.23
N GLU A 184 -18.29 -2.55 -5.22
CA GLU A 184 -18.61 -3.46 -6.31
C GLU A 184 -17.33 -3.69 -7.16
N LEU A 185 -16.52 -2.63 -7.38
CA LEU A 185 -15.27 -2.73 -8.15
C LEU A 185 -14.22 -3.59 -7.41
N MET A 186 -14.22 -3.55 -6.09
CA MET A 186 -13.32 -4.34 -5.25
C MET A 186 -13.59 -5.85 -5.42
N THR A 187 -14.87 -6.28 -5.28
CA THR A 187 -15.27 -7.67 -5.46
C THR A 187 -15.15 -8.10 -6.93
N ARG A 188 -15.42 -7.18 -7.87
CA ARG A 188 -15.28 -7.48 -9.30
C ARG A 188 -13.81 -7.81 -9.63
N GLY A 189 -12.90 -7.00 -9.09
CA GLY A 189 -11.45 -7.13 -9.24
C GLY A 189 -10.95 -8.44 -8.67
N PHE A 190 -11.48 -8.83 -7.47
CA PHE A 190 -11.19 -10.07 -6.75
C PHE A 190 -11.60 -11.30 -7.59
N ASN A 191 -12.80 -11.30 -8.19
CA ASN A 191 -13.25 -12.40 -9.03
C ASN A 191 -12.52 -12.51 -10.38
N ASN A 192 -11.72 -11.49 -10.75
CA ASN A 192 -10.97 -11.51 -12.01
C ASN A 192 -9.46 -11.72 -11.83
N ARG A 193 -9.01 -12.04 -10.61
CA ARG A 193 -7.59 -12.24 -10.36
C ARG A 193 -7.05 -13.53 -10.96
N HIS A 194 -5.76 -13.49 -11.34
CA HIS A 194 -5.02 -14.58 -11.98
C HIS A 194 -4.99 -15.85 -11.15
N VAL A 195 -5.32 -16.97 -11.79
CA VAL A 195 -5.27 -18.30 -11.17
C VAL A 195 -4.02 -19.03 -11.69
N ASP A 203 -2.46 -18.09 -4.40
CA ASP A 203 -2.99 -17.71 -5.72
C ASP A 203 -2.59 -16.26 -6.07
N SER A 204 -2.86 -15.30 -5.18
CA SER A 204 -2.50 -13.89 -5.39
C SER A 204 -1.12 -13.51 -4.79
N SER A 205 -0.43 -14.48 -4.17
CA SER A 205 0.83 -14.34 -3.46
C SER A 205 2.02 -13.92 -4.33
N ARG A 206 2.00 -14.22 -5.63
CA ARG A 206 3.12 -13.86 -6.51
C ARG A 206 2.85 -12.67 -7.43
N SER A 207 1.72 -11.99 -7.26
CA SER A 207 1.38 -10.83 -8.08
C SER A 207 1.21 -9.58 -7.22
N HIS A 208 1.32 -8.41 -7.87
CA HIS A 208 1.11 -7.09 -7.27
C HIS A 208 -0.23 -6.54 -7.77
N SER A 209 -1.04 -5.96 -6.89
CA SER A 209 -2.29 -5.34 -7.30
C SER A 209 -2.29 -3.86 -6.94
N ILE A 210 -2.79 -3.01 -7.85
CA ILE A 210 -2.91 -1.57 -7.60
C ILE A 210 -4.34 -1.07 -7.77
N PHE A 211 -4.98 -0.62 -6.70
CA PHE A 211 -6.29 0.00 -6.76
C PHE A 211 -6.05 1.52 -6.69
N THR A 212 -6.49 2.25 -7.72
CA THR A 212 -6.30 3.70 -7.74
C THR A 212 -7.62 4.42 -7.63
N VAL A 213 -7.66 5.41 -6.75
CA VAL A 213 -8.83 6.27 -6.61
C VAL A 213 -8.41 7.67 -7.11
N TYR A 214 -9.06 8.18 -8.15
CA TYR A 214 -8.82 9.53 -8.68
C TYR A 214 -9.86 10.49 -8.08
N VAL A 215 -9.39 11.50 -7.34
CA VAL A 215 -10.25 12.46 -6.68
C VAL A 215 -10.08 13.83 -7.33
N GLU A 216 -10.98 14.17 -8.24
CA GLU A 216 -10.95 15.43 -8.95
C GLU A 216 -11.90 16.45 -8.28
N GLY A 217 -11.37 17.59 -7.88
CA GLY A 217 -12.18 18.62 -7.24
C GLY A 217 -12.28 19.91 -8.04
N MET A 218 -13.50 20.38 -8.30
CA MET A 218 -13.71 21.62 -9.03
C MET A 218 -14.18 22.68 -8.04
N THR A 219 -13.41 23.76 -7.89
CA THR A 219 -13.75 24.82 -6.95
C THR A 219 -14.85 25.77 -7.52
N GLU A 220 -15.37 26.69 -6.68
CA GLU A 220 -16.40 27.64 -7.13
C GLU A 220 -15.85 28.62 -8.20
N THR A 221 -14.56 28.95 -8.10
CA THR A 221 -13.84 29.78 -9.08
C THR A 221 -13.83 29.06 -10.46
N GLY A 222 -13.60 27.76 -10.43
CA GLY A 222 -13.52 26.92 -11.61
C GLY A 222 -12.20 26.15 -11.70
N SER A 223 -11.25 26.44 -10.78
CA SER A 223 -9.95 25.77 -10.73
C SER A 223 -10.12 24.30 -10.34
N ILE A 224 -9.52 23.41 -11.11
CA ILE A 224 -9.61 21.98 -10.85
C ILE A 224 -8.33 21.41 -10.25
N ARG A 225 -8.47 20.68 -9.12
CA ARG A 225 -7.35 20.00 -8.49
C ARG A 225 -7.53 18.48 -8.69
N MET A 226 -6.42 17.75 -8.88
CA MET A 226 -6.51 16.32 -9.13
C MET A 226 -5.50 15.50 -8.33
N GLY A 227 -6.00 14.83 -7.30
CA GLY A 227 -5.16 13.96 -6.49
C GLY A 227 -5.47 12.50 -6.72
N LYS A 228 -4.44 11.65 -6.87
CA LYS A 228 -4.66 10.22 -7.05
C LYS A 228 -4.16 9.41 -5.85
N LEU A 229 -4.92 8.42 -5.43
CA LEU A 229 -4.58 7.56 -4.31
C LEU A 229 -4.24 6.13 -4.80
N ASN A 230 -2.96 5.69 -4.68
CA ASN A 230 -2.61 4.33 -5.07
C ASN A 230 -2.57 3.43 -3.83
N LEU A 231 -3.35 2.37 -3.83
CA LEU A 231 -3.42 1.40 -2.75
C LEU A 231 -2.82 0.11 -3.33
N VAL A 232 -1.62 -0.22 -2.90
CA VAL A 232 -0.84 -1.30 -3.48
C VAL A 232 -0.62 -2.51 -2.57
N ASP A 233 -0.97 -3.68 -3.07
CA ASP A 233 -0.78 -4.92 -2.34
C ASP A 233 0.29 -5.66 -3.10
N LEU A 234 1.53 -5.59 -2.59
CA LEU A 234 2.68 -6.19 -3.22
C LEU A 234 2.69 -7.72 -3.17
N ALA A 235 3.48 -8.34 -4.04
CA ALA A 235 3.68 -9.78 -3.99
C ALA A 235 4.50 -10.08 -2.71
N GLY A 236 4.39 -11.29 -2.19
CA GLY A 236 5.14 -11.72 -1.01
C GLY A 236 6.63 -11.55 -1.15
N SER A 237 7.27 -10.98 -0.13
CA SER A 237 8.70 -10.72 -0.15
C SER A 237 9.61 -11.93 0.20
N GLU A 238 9.04 -13.12 0.50
CA GLU A 238 9.83 -14.31 0.86
C GLU A 238 10.97 -14.65 -0.10
N ARG A 239 12.13 -15.03 0.48
CA ARG A 239 13.32 -15.41 -0.25
C ARG A 239 13.23 -16.90 -0.60
N LYS A 255 11.16 -13.82 -15.07
CA LYS A 255 10.47 -12.53 -14.98
C LYS A 255 9.45 -12.45 -13.82
N ILE A 256 9.22 -13.56 -13.08
CA ILE A 256 8.28 -13.61 -11.93
C ILE A 256 8.65 -12.65 -10.77
N ASN A 257 9.92 -12.67 -10.30
CA ASN A 257 10.33 -11.85 -9.16
C ASN A 257 10.99 -10.52 -9.53
N LEU A 258 10.95 -10.14 -10.82
CA LEU A 258 11.56 -8.93 -11.35
C LEU A 258 11.05 -7.63 -10.73
N SER A 259 9.73 -7.46 -10.62
CA SER A 259 9.16 -6.24 -10.06
C SER A 259 9.56 -6.02 -8.59
N LEU A 260 9.71 -7.12 -7.81
CA LEU A 260 10.15 -7.05 -6.40
C LEU A 260 11.65 -6.75 -6.29
N SER A 261 12.47 -7.41 -7.12
CA SER A 261 13.92 -7.18 -7.14
C SER A 261 14.22 -5.74 -7.54
N ALA A 262 13.48 -5.22 -8.54
CA ALA A 262 13.63 -3.85 -9.00
C ALA A 262 13.17 -2.84 -7.95
N LEU A 263 12.18 -3.18 -7.11
CA LEU A 263 11.74 -2.30 -6.04
C LEU A 263 12.88 -2.11 -5.03
N GLY A 264 13.56 -3.21 -4.67
CA GLY A 264 14.73 -3.22 -3.80
C GLY A 264 15.87 -2.41 -4.41
N ASN A 265 16.17 -2.63 -5.71
CA ASN A 265 17.22 -1.89 -6.44
C ASN A 265 16.95 -0.38 -6.51
N VAL A 266 15.67 0.01 -6.67
CA VAL A 266 15.24 1.41 -6.77
C VAL A 266 15.43 2.08 -5.40
N ILE A 267 14.94 1.42 -4.34
CA ILE A 267 15.06 1.91 -2.98
C ILE A 267 16.53 2.12 -2.59
N SER A 268 17.39 1.15 -2.94
CA SER A 268 18.83 1.22 -2.71
C SER A 268 19.43 2.45 -3.36
N ALA A 269 19.08 2.75 -4.61
CA ALA A 269 19.63 3.90 -5.32
C ALA A 269 19.12 5.20 -4.70
N LEU A 270 17.82 5.23 -4.36
CA LEU A 270 17.15 6.38 -3.76
C LEU A 270 17.76 6.75 -2.39
N VAL A 271 18.18 5.75 -1.60
CA VAL A 271 18.77 6.03 -0.28
C VAL A 271 20.31 6.09 -0.31
N ASP A 272 20.95 5.46 -1.32
CA ASP A 272 22.39 5.40 -1.45
C ASP A 272 23.08 6.68 -1.86
N GLY A 273 22.33 7.75 -2.09
CA GLY A 273 22.88 9.05 -2.49
C GLY A 273 23.60 9.03 -3.82
N HIS A 277 21.75 7.40 -10.64
CA HIS A 277 20.69 6.93 -11.54
C HIS A 277 19.71 6.04 -10.79
N ILE A 278 18.38 6.22 -11.01
CA ILE A 278 17.38 5.36 -10.37
C ILE A 278 16.80 4.40 -11.42
N PRO A 279 16.90 3.08 -11.18
CA PRO A 279 16.47 2.12 -12.22
C PRO A 279 14.97 1.78 -12.20
N TYR A 280 14.12 2.80 -12.32
CA TYR A 280 12.67 2.67 -12.35
C TYR A 280 12.22 1.74 -13.51
N ARG A 281 12.90 1.86 -14.68
CA ARG A 281 12.60 1.08 -15.86
C ARG A 281 13.00 -0.39 -15.80
N ASP A 282 13.55 -0.87 -14.67
CA ASP A 282 13.90 -2.29 -14.52
C ASP A 282 12.64 -3.18 -14.51
N SER A 283 11.49 -2.64 -14.08
CA SER A 283 10.26 -3.43 -14.03
C SER A 283 8.99 -2.62 -14.33
N LYS A 284 7.86 -3.33 -14.51
CA LYS A 284 6.55 -2.75 -14.75
C LYS A 284 6.07 -2.04 -13.46
N LEU A 285 6.31 -2.65 -12.30
CA LEU A 285 5.89 -2.10 -11.02
C LEU A 285 6.63 -0.81 -10.67
N THR A 286 7.95 -0.76 -10.91
CA THR A 286 8.73 0.42 -10.56
C THR A 286 8.52 1.57 -11.55
N ARG A 287 8.14 1.26 -12.82
CA ARG A 287 7.84 2.27 -13.83
C ARG A 287 6.54 2.96 -13.49
N LEU A 288 5.49 2.16 -13.17
CA LEU A 288 4.17 2.67 -12.82
C LEU A 288 4.20 3.49 -11.56
N LEU A 289 4.95 3.04 -10.56
CA LEU A 289 5.00 3.72 -9.27
C LEU A 289 6.23 4.58 -9.05
N GLN A 290 6.94 4.94 -10.12
CA GLN A 290 8.13 5.79 -10.00
C GLN A 290 7.87 7.11 -9.28
N ASP A 291 6.69 7.73 -9.44
CA ASP A 291 6.37 8.97 -8.76
C ASP A 291 6.14 8.74 -7.26
N SER A 292 5.71 7.53 -6.86
CA SER A 292 5.55 7.20 -5.45
C SER A 292 6.89 7.00 -4.72
N LEU A 293 7.99 6.81 -5.44
CA LEU A 293 9.29 6.57 -4.84
C LEU A 293 10.27 7.67 -5.26
N GLY A 294 10.28 8.76 -4.53
CA GLY A 294 11.17 9.88 -4.83
C GLY A 294 10.57 10.98 -5.69
N GLY A 295 9.27 10.89 -6.00
CA GLY A 295 8.60 11.91 -6.80
C GLY A 295 7.53 12.70 -6.07
N ASN A 296 6.59 13.24 -6.84
CA ASN A 296 5.46 14.08 -6.41
C ASN A 296 4.32 13.30 -5.70
N THR A 297 4.58 12.66 -4.58
CA THR A 297 3.58 11.83 -3.88
C THR A 297 3.90 11.76 -2.41
N LYS A 298 2.89 11.59 -1.57
CA LYS A 298 3.06 11.37 -0.13
C LYS A 298 2.92 9.85 -0.02
N THR A 299 4.00 9.14 0.41
CA THR A 299 3.95 7.69 0.44
C THR A 299 4.04 7.08 1.88
N ILE A 300 3.29 6.01 2.09
CA ILE A 300 3.28 5.25 3.33
C ILE A 300 3.54 3.78 3.01
N MET A 301 4.40 3.14 3.80
CA MET A 301 4.67 1.71 3.66
C MET A 301 4.18 1.02 4.94
N ILE A 302 3.32 0.00 4.79
CA ILE A 302 2.86 -0.83 5.90
C ILE A 302 3.59 -2.18 5.73
N ALA A 303 4.65 -2.40 6.55
CA ALA A 303 5.46 -3.58 6.58
C ALA A 303 4.79 -4.58 7.53
N CYS A 304 4.39 -5.74 6.99
CA CYS A 304 3.71 -6.78 7.75
C CYS A 304 4.64 -7.88 8.17
N VAL A 305 4.57 -8.23 9.45
CA VAL A 305 5.42 -9.23 10.05
C VAL A 305 4.61 -10.27 10.83
N SER A 306 5.24 -11.42 11.06
CA SER A 306 4.74 -12.51 11.86
C SER A 306 5.37 -12.43 13.26
N PRO A 307 4.65 -12.88 14.30
CA PRO A 307 5.21 -12.85 15.67
C PRO A 307 6.11 -14.04 16.06
N SER A 308 6.10 -15.07 15.22
CA SER A 308 6.70 -16.37 15.37
C SER A 308 8.20 -16.45 15.16
N SER A 309 8.88 -17.20 16.04
CA SER A 309 10.31 -17.48 15.89
C SER A 309 10.63 -18.40 14.68
N ASP A 310 9.62 -19.12 14.14
CA ASP A 310 9.82 -19.90 12.91
C ASP A 310 9.89 -18.96 11.67
N ASN A 311 9.41 -17.69 11.77
CA ASN A 311 9.47 -16.72 10.68
C ASN A 311 10.53 -15.64 10.83
N TYR A 312 11.42 -15.80 11.80
CA TYR A 312 12.49 -14.90 12.18
C TYR A 312 13.27 -14.30 11.00
N ASP A 313 13.76 -15.16 10.10
CA ASP A 313 14.58 -14.77 8.96
C ASP A 313 13.81 -13.83 8.05
N GLU A 314 12.55 -14.15 7.73
CA GLU A 314 11.67 -13.33 6.89
C GLU A 314 11.29 -12.01 7.57
N THR A 315 11.03 -12.04 8.88
CA THR A 315 10.70 -10.85 9.67
C THR A 315 11.89 -9.88 9.73
N LEU A 316 13.12 -10.40 9.93
CA LEU A 316 14.35 -9.60 9.95
C LEU A 316 14.57 -8.91 8.58
N SER A 317 14.30 -9.65 7.51
CA SER A 317 14.36 -9.16 6.14
C SER A 317 13.35 -8.00 5.90
N THR A 318 12.09 -8.13 6.36
CA THR A 318 11.02 -7.14 6.23
C THR A 318 11.35 -5.89 7.04
N LEU A 319 11.86 -6.07 8.27
CA LEU A 319 12.24 -4.97 9.16
C LEU A 319 13.43 -4.19 8.62
N ARG A 320 14.43 -4.85 8.05
CA ARG A 320 15.58 -4.17 7.46
C ARG A 320 15.18 -3.35 6.22
N TYR A 321 14.26 -3.91 5.43
CA TYR A 321 13.70 -3.32 4.23
C TYR A 321 12.84 -2.09 4.58
N ALA A 322 12.02 -2.21 5.62
CA ALA A 322 11.15 -1.16 6.07
C ALA A 322 11.95 0.00 6.68
N ASN A 323 13.01 -0.35 7.43
CA ASN A 323 13.92 0.58 8.09
C ASN A 323 14.66 1.43 7.04
N ARG A 324 15.14 0.78 5.98
CA ARG A 324 15.84 1.41 4.85
C ARG A 324 14.90 2.33 4.07
N ALA A 325 13.61 1.93 3.95
CA ALA A 325 12.56 2.66 3.25
C ALA A 325 12.22 4.03 3.85
N LYS A 326 12.56 4.27 5.13
CA LYS A 326 12.32 5.56 5.76
C LYS A 326 13.16 6.71 5.18
N ASN A 327 14.28 6.36 4.56
CA ASN A 327 15.23 7.33 4.03
C ASN A 327 14.93 7.81 2.61
N ILE A 328 13.87 7.29 1.99
CA ILE A 328 13.43 7.72 0.66
C ILE A 328 12.80 9.11 0.81
N LYS A 329 13.28 10.05 -0.01
CA LYS A 329 12.84 11.43 0.00
C LYS A 329 11.97 11.76 -1.19
N ASN A 330 10.69 12.02 -0.94
CA ASN A 330 9.69 12.41 -1.91
C ASN A 330 9.54 13.94 -1.94
N LYS A 331 8.94 14.47 -2.99
CA LYS A 331 8.70 15.92 -3.11
C LYS A 331 7.24 16.24 -3.45
N PRO A 332 6.27 15.88 -2.57
CA PRO A 332 4.87 16.16 -2.87
C PRO A 332 4.45 17.64 -2.83
N THR A 333 3.78 18.08 -3.90
CA THR A 333 3.24 19.42 -4.11
C THR A 333 1.75 19.33 -4.51
N ILE A 334 0.97 20.40 -4.25
CA ILE A 334 -0.46 20.39 -4.59
C ILE A 334 -0.66 20.47 -6.12
N ASN A 335 -1.42 19.51 -6.67
CA ASN A 335 -1.71 19.41 -8.11
C ASN A 335 -2.86 20.35 -8.53
N GLU A 336 -2.62 21.67 -8.50
CA GLU A 336 -3.59 22.69 -8.88
C GLU A 336 -2.89 23.89 -9.51
MG MG B . -2.52 -11.30 0.16
PB ADP C . -0.77 -11.91 2.98
O1B ADP C . -1.64 -11.15 2.12
O2B ADP C . -0.34 -13.25 2.34
O3B ADP C . 0.39 -11.14 3.41
PA ADP C . -3.14 -12.39 4.64
O1A ADP C . -3.89 -13.09 3.57
O2A ADP C . -3.68 -11.04 4.79
O3A ADP C . -1.59 -12.29 4.30
O5' ADP C . -3.20 -13.11 6.08
C5' ADP C . -2.95 -14.52 6.24
C4' ADP C . -3.85 -15.08 7.33
O4' ADP C . -3.63 -14.37 8.57
C3' ADP C . -5.35 -15.03 7.05
O3' ADP C . -5.98 -16.24 7.45
C2' ADP C . -5.79 -13.78 7.82
O2' ADP C . -7.13 -13.88 8.28
C1' ADP C . -4.84 -13.79 9.02
N9 ADP C . -4.54 -12.46 9.55
C8 ADP C . -3.59 -11.59 9.10
N7 ADP C . -3.43 -10.53 9.83
C5 ADP C . -4.36 -10.69 10.85
C6 ADP C . -4.72 -9.90 11.95
N6 ADP C . -4.15 -8.73 12.22
N1 ADP C . -5.70 -10.35 12.77
C2 ADP C . -6.29 -11.52 12.48
N3 ADP C . -6.03 -12.36 11.47
C4 ADP C . -5.05 -11.88 10.68
#